data_4ADU
#
_entry.id   4ADU
#
_cell.length_a   180.471
_cell.length_b   180.471
_cell.length_c   102.042
_cell.angle_alpha   90.00
_cell.angle_beta   90.00
_cell.angle_gamma   120.00
#
_symmetry.space_group_name_H-M   'H 3 2'
#
loop_
_entity.id
_entity.type
_entity.pdbx_description
1 polymer 'PYRIDOXINE BIOSYNTHETIC ENZYME PDX1 HOMOLOGUE, PUTATIVE'
2 non-polymer 1,2-ETHANEDIOL
3 non-polymer RIBOSE-5-PHOSPHATE
4 water water
#
_entity_poly.entity_id   1
_entity_poly.type   'polypeptide(L)'
_entity_poly.pdbx_seq_one_letter_code
;MRDYADNDSILLKHGWCEMLKGGVIMDVKNVEQAKIAEKAGAIGVMILENIPSELRNTDGVARSVDPLKIEEIRKCISIN
VLAKVRIGHFVEAQILEELKVDMLDESEVLTMADEYNHINKHKFKTPFVCGCTNLGEALRRISEGASMIRTKGEAGTGNI
IEAIKHIRTVNNEIKYLCSLDESEVYNFAKKLRAPIDLILLTRKLKRLPVVNFAAGGIATPADAAMCMQLGMDGVFVGSG
IFESENPQKMASSIVMAVSNFNNPKILLNVSLGLGKAMHGNTKVSNKWKNKSEEDNS
;
_entity_poly.pdbx_strand_id   A,B
#
loop_
_chem_comp.id
_chem_comp.type
_chem_comp.name
_chem_comp.formula
EDO non-polymer 1,2-ETHANEDIOL 'C2 H6 O2'
R5P saccharide RIBOSE-5-PHOSPHATE 'C5 H11 O8 P'
#
# COMPACT_ATOMS: atom_id res chain seq x y z
N ASN A 7 -14.04 -18.26 -21.33
CA ASN A 7 -14.07 -16.80 -21.70
C ASN A 7 -15.48 -16.34 -22.04
N ASP A 8 -16.11 -16.93 -23.06
CA ASP A 8 -17.49 -16.56 -23.38
C ASP A 8 -18.47 -16.96 -22.28
N SER A 9 -18.29 -18.12 -21.65
CA SER A 9 -19.11 -18.47 -20.49
C SER A 9 -18.86 -17.54 -19.30
N ILE A 10 -17.62 -17.09 -19.13
CA ILE A 10 -17.25 -16.12 -18.09
C ILE A 10 -17.88 -14.76 -18.38
N LEU A 11 -17.73 -14.28 -19.61
CA LEU A 11 -18.35 -13.00 -20.03
C LEU A 11 -19.87 -13.04 -19.93
N LEU A 12 -20.42 -14.19 -20.28
CA LEU A 12 -21.86 -14.41 -20.16
C LEU A 12 -22.32 -14.31 -18.70
N LYS A 13 -21.58 -14.92 -17.79
CA LYS A 13 -21.93 -14.87 -16.36
C LYS A 13 -21.76 -13.46 -15.80
N HIS A 14 -20.74 -12.75 -16.28
CA HIS A 14 -20.45 -11.40 -15.80
C HIS A 14 -21.56 -10.48 -16.28
N GLY A 15 -21.98 -10.66 -17.51
CA GLY A 15 -23.11 -9.91 -18.04
C GLY A 15 -24.30 -10.05 -17.12
N TRP A 16 -24.54 -11.29 -16.68
CA TRP A 16 -25.65 -11.56 -15.81
C TRP A 16 -25.50 -10.85 -14.47
N CYS A 17 -24.31 -10.90 -13.88
CA CYS A 17 -24.10 -10.37 -12.53
C CYS A 17 -24.18 -8.82 -12.45
N GLU A 18 -23.79 -8.16 -13.50
CA GLU A 18 -23.95 -6.72 -13.62
C GLU A 18 -25.33 -6.21 -13.26
N MET A 19 -26.36 -6.97 -13.61
CA MET A 19 -27.74 -6.52 -13.39
C MET A 19 -28.09 -6.48 -11.90
N LEU A 20 -27.25 -7.09 -11.07
CA LEU A 20 -27.39 -7.00 -9.61
C LEU A 20 -26.87 -5.66 -9.07
N LYS A 21 -26.01 -4.97 -9.84
CA LYS A 21 -25.41 -3.72 -9.39
C LYS A 21 -26.49 -2.81 -8.87
N GLY A 22 -26.21 -2.17 -7.73
CA GLY A 22 -27.17 -1.28 -7.10
C GLY A 22 -28.25 -1.97 -6.29
N GLY A 23 -28.20 -3.29 -6.17
CA GLY A 23 -29.32 -4.02 -5.58
C GLY A 23 -29.12 -4.53 -4.19
N VAL A 24 -30.21 -4.99 -3.58
CA VAL A 24 -30.13 -5.66 -2.28
C VAL A 24 -30.67 -7.11 -2.37
N ILE A 25 -29.92 -8.05 -1.78
CA ILE A 25 -30.30 -9.47 -1.77
C ILE A 25 -30.58 -9.86 -0.33
N MET A 26 -31.76 -10.42 -0.08
CA MET A 26 -32.19 -10.65 1.30
C MET A 26 -32.30 -12.12 1.63
N ASP A 27 -31.75 -12.54 2.78
CA ASP A 27 -31.88 -13.95 3.20
C ASP A 27 -33.33 -14.23 3.62
N VAL A 28 -33.85 -15.39 3.26
CA VAL A 28 -35.20 -15.74 3.72
C VAL A 28 -35.30 -17.23 4.04
N LYS A 29 -36.24 -17.58 4.92
CA LYS A 29 -36.50 -18.96 5.32
C LYS A 29 -37.78 -19.50 4.73
N ASN A 30 -38.70 -18.62 4.42
CA ASN A 30 -40.05 -19.01 4.05
C ASN A 30 -40.73 -18.02 3.10
N VAL A 31 -41.87 -18.42 2.55
CA VAL A 31 -42.58 -17.62 1.55
C VAL A 31 -42.92 -16.22 2.06
N GLU A 32 -43.38 -16.21 3.31
CA GLU A 32 -43.83 -15.02 4.02
C GLU A 32 -42.72 -13.94 3.97
N GLN A 33 -41.50 -14.38 4.26
CA GLN A 33 -40.31 -13.54 4.24
C GLN A 33 -39.90 -13.13 2.83
N ALA A 34 -40.03 -14.05 1.89
CA ALA A 34 -39.66 -13.73 0.52
C ALA A 34 -40.56 -12.63 -0.08
N LYS A 35 -41.86 -12.67 0.20
CA LYS A 35 -42.75 -11.59 -0.29
C LYS A 35 -42.44 -10.25 0.39
N ILE A 36 -42.12 -10.29 1.67
CA ILE A 36 -41.63 -9.08 2.34
C ILE A 36 -40.42 -8.51 1.59
N ALA A 37 -39.54 -9.39 1.13
CA ALA A 37 -38.36 -8.99 0.36
C ALA A 37 -38.73 -8.42 -0.99
N GLU A 38 -39.63 -9.08 -1.71
CA GLU A 38 -40.04 -8.57 -3.03
C GLU A 38 -40.79 -7.25 -2.86
N LYS A 39 -41.66 -7.18 -1.85
CA LYS A 39 -42.40 -5.95 -1.58
C LYS A 39 -41.46 -4.83 -1.23
N ALA A 40 -40.30 -5.17 -0.67
CA ALA A 40 -39.31 -4.15 -0.28
C ALA A 40 -38.48 -3.64 -1.44
N GLY A 41 -38.45 -4.38 -2.53
CA GLY A 41 -37.67 -3.98 -3.71
C GLY A 41 -36.33 -4.69 -3.82
N ALA A 42 -36.13 -5.74 -3.06
CA ALA A 42 -34.91 -6.54 -3.19
C ALA A 42 -34.83 -7.10 -4.61
N ILE A 43 -33.62 -7.09 -5.19
CA ILE A 43 -33.38 -7.74 -6.47
C ILE A 43 -33.26 -9.25 -6.35
N GLY A 44 -33.20 -9.76 -5.13
CA GLY A 44 -33.25 -11.19 -5.00
C GLY A 44 -33.27 -11.67 -3.60
N VAL A 45 -33.65 -12.92 -3.43
CA VAL A 45 -33.61 -13.53 -2.12
C VAL A 45 -32.65 -14.69 -2.11
N MET A 46 -32.12 -14.93 -0.93
CA MET A 46 -31.14 -15.96 -0.71
C MET A 46 -31.79 -16.93 0.26
N ILE A 47 -32.10 -18.13 -0.20
CA ILE A 47 -32.95 -19.04 0.55
C ILE A 47 -32.18 -19.94 1.53
N LEU A 48 -32.63 -19.92 2.78
CA LEU A 48 -31.86 -20.51 3.85
C LEU A 48 -32.73 -21.36 4.77
N GLU A 49 -32.18 -22.49 5.19
CA GLU A 49 -32.74 -23.24 6.30
C GLU A 49 -32.84 -22.39 7.58
N ASN A 50 -31.79 -21.63 7.87
CA ASN A 50 -31.78 -20.70 9.01
C ASN A 50 -31.00 -19.44 8.68
N ILE A 51 -31.46 -18.30 9.20
CA ILE A 51 -30.75 -17.03 9.01
C ILE A 51 -29.50 -17.06 9.92
N PRO A 52 -28.42 -16.37 9.54
CA PRO A 52 -27.13 -16.45 10.27
C PRO A 52 -27.16 -16.16 11.77
N SER A 53 -27.98 -15.20 12.20
CA SER A 53 -28.18 -14.94 13.63
C SER A 53 -28.68 -16.16 14.43
N GLU A 54 -29.45 -17.03 13.76
CA GLU A 54 -29.94 -18.28 14.37
C GLU A 54 -28.86 -19.37 14.38
N LEU A 55 -28.04 -19.41 13.32
CA LEU A 55 -26.96 -20.40 13.22
C LEU A 55 -25.80 -20.16 14.21
N ARG A 56 -25.58 -18.92 14.63
CA ARG A 56 -24.64 -18.61 15.74
C ARG A 56 -25.10 -19.22 17.09
N ASN A 57 -26.42 -19.33 17.28
CA ASN A 57 -27.05 -19.85 18.52
C ASN A 57 -27.27 -21.38 18.57
N THR A 58 -26.67 -22.10 17.63
CA THR A 58 -26.73 -23.57 17.63
C THR A 58 -25.36 -24.13 17.23
N ASP A 59 -25.08 -25.37 17.65
CA ASP A 59 -23.93 -26.12 17.18
C ASP A 59 -24.33 -27.19 16.12
N GLY A 60 -25.44 -26.96 15.42
CA GLY A 60 -25.91 -27.90 14.40
C GLY A 60 -25.05 -27.82 13.15
N VAL A 61 -25.13 -28.86 12.33
CA VAL A 61 -24.46 -28.82 11.04
C VAL A 61 -25.43 -28.08 10.13
N ALA A 62 -24.88 -27.14 9.40
CA ALA A 62 -25.67 -26.22 8.61
C ALA A 62 -25.35 -26.53 7.16
N ARG A 63 -26.35 -27.01 6.44
CA ARG A 63 -26.22 -27.48 5.05
C ARG A 63 -27.12 -26.67 4.12
N SER A 64 -27.03 -26.91 2.81
CA SER A 64 -27.91 -26.19 1.88
C SER A 64 -29.36 -26.56 2.14
N VAL A 65 -30.27 -25.70 1.73
CA VAL A 65 -31.71 -25.91 2.00
C VAL A 65 -32.24 -27.08 1.25
N ASP A 66 -33.24 -27.73 1.82
CA ASP A 66 -34.06 -28.68 1.07
C ASP A 66 -34.51 -27.99 -0.23
N PRO A 67 -34.29 -28.63 -1.38
CA PRO A 67 -34.74 -28.02 -2.63
C PRO A 67 -36.25 -27.73 -2.72
N LEU A 68 -37.08 -28.51 -2.04
CA LEU A 68 -38.52 -28.29 -2.04
C LEU A 68 -38.81 -26.83 -1.65
N LYS A 69 -38.08 -26.33 -0.66
CA LYS A 69 -38.28 -24.98 -0.18
C LYS A 69 -37.89 -23.91 -1.21
N ILE A 70 -37.02 -24.24 -2.16
CA ILE A 70 -36.69 -23.32 -3.26
C ILE A 70 -37.80 -23.32 -4.29
N GLU A 71 -38.29 -24.52 -4.62
CA GLU A 71 -39.53 -24.70 -5.39
C GLU A 71 -40.67 -23.83 -4.83
N GLU A 72 -41.00 -24.02 -3.55
CA GLU A 72 -42.18 -23.37 -2.96
C GLU A 72 -42.05 -21.87 -3.00
N ILE A 73 -40.90 -21.39 -2.59
CA ILE A 73 -40.68 -19.95 -2.53
C ILE A 73 -40.68 -19.39 -3.96
N ARG A 74 -39.90 -19.99 -4.85
CA ARG A 74 -39.73 -19.45 -6.19
C ARG A 74 -41.03 -19.21 -6.97
N LYS A 75 -42.06 -20.04 -6.75
CA LYS A 75 -43.32 -19.84 -7.46
C LYS A 75 -44.22 -18.77 -6.84
N CYS A 76 -43.81 -18.21 -5.71
CA CYS A 76 -44.56 -17.14 -5.04
C CYS A 76 -43.93 -15.76 -5.22
N ILE A 77 -42.76 -15.72 -5.86
CA ILE A 77 -42.07 -14.45 -6.14
C ILE A 77 -41.54 -14.44 -7.55
N SER A 78 -41.22 -13.25 -8.05
CA SER A 78 -40.66 -13.09 -9.40
C SER A 78 -39.23 -12.53 -9.45
N ILE A 79 -38.62 -12.24 -8.31
CA ILE A 79 -37.25 -11.74 -8.31
C ILE A 79 -36.27 -12.92 -8.31
N ASN A 80 -34.96 -12.63 -8.34
CA ASN A 80 -33.96 -13.70 -8.41
C ASN A 80 -33.95 -14.58 -7.17
N VAL A 81 -33.64 -15.85 -7.37
CA VAL A 81 -33.64 -16.84 -6.32
C VAL A 81 -32.22 -17.38 -6.22
N LEU A 82 -31.62 -17.29 -5.03
CA LEU A 82 -30.26 -17.75 -4.79
C LEU A 82 -30.25 -18.71 -3.62
N ALA A 83 -29.15 -19.48 -3.49
CA ALA A 83 -29.01 -20.42 -2.38
C ALA A 83 -27.53 -20.63 -1.93
N LYS A 84 -27.36 -21.10 -0.71
CA LYS A 84 -26.03 -21.36 -0.15
C LYS A 84 -25.67 -22.81 -0.25
N VAL A 85 -24.42 -23.11 -0.61
CA VAL A 85 -23.88 -24.45 -0.53
C VAL A 85 -22.65 -24.41 0.39
N ARG A 86 -22.29 -25.55 0.97
CA ARG A 86 -21.20 -25.61 1.93
C ARG A 86 -19.91 -25.57 1.17
N ILE A 87 -18.90 -24.96 1.77
CA ILE A 87 -17.63 -24.83 1.10
C ILE A 87 -17.04 -26.17 0.74
N GLY A 88 -16.74 -26.34 -0.55
CA GLY A 88 -16.18 -27.55 -1.08
C GLY A 88 -17.20 -28.60 -1.48
N HIS A 89 -18.48 -28.34 -1.23
CA HIS A 89 -19.53 -29.33 -1.49
C HIS A 89 -20.10 -29.27 -2.93
N PHE A 90 -19.33 -29.85 -3.84
CA PHE A 90 -19.64 -29.73 -5.23
C PHE A 90 -20.91 -30.48 -5.61
N VAL A 91 -21.27 -31.49 -4.81
CA VAL A 91 -22.48 -32.23 -5.05
C VAL A 91 -23.74 -31.46 -4.69
N GLU A 92 -23.72 -30.76 -3.55
CA GLU A 92 -24.83 -29.87 -3.20
C GLU A 92 -25.08 -28.88 -4.33
N ALA A 93 -24.00 -28.31 -4.87
CA ALA A 93 -24.06 -27.44 -6.05
C ALA A 93 -24.66 -28.14 -7.30
N GLN A 94 -24.26 -29.38 -7.56
CA GLN A 94 -24.76 -30.12 -8.72
C GLN A 94 -26.27 -30.23 -8.63
N ILE A 95 -26.80 -30.37 -7.43
CA ILE A 95 -28.23 -30.57 -7.24
C ILE A 95 -29.01 -29.30 -7.52
N LEU A 96 -28.52 -28.21 -6.95
CA LEU A 96 -29.11 -26.91 -7.18
C LEU A 96 -28.88 -26.42 -8.59
N GLU A 97 -27.82 -26.87 -9.24
CA GLU A 97 -27.56 -26.52 -10.63
C GLU A 97 -28.67 -27.15 -11.46
N GLU A 98 -29.01 -28.38 -11.07
CA GLU A 98 -30.05 -29.14 -11.66
C GLU A 98 -31.42 -28.56 -11.26
N LEU A 99 -31.56 -28.03 -10.08
CA LEU A 99 -32.82 -27.36 -9.77
C LEU A 99 -32.96 -26.06 -10.55
N LYS A 100 -31.88 -25.58 -11.19
CA LYS A 100 -31.88 -24.25 -11.84
C LYS A 100 -32.17 -23.16 -10.81
N VAL A 101 -31.15 -22.46 -10.39
CA VAL A 101 -31.36 -21.35 -9.49
C VAL A 101 -30.47 -20.31 -10.06
N ASP A 102 -30.76 -19.07 -9.74
CA ASP A 102 -30.13 -17.95 -10.41
C ASP A 102 -28.68 -17.78 -10.03
N MET A 103 -28.32 -18.14 -8.80
CA MET A 103 -26.94 -18.02 -8.33
C MET A 103 -26.73 -18.81 -7.05
N LEU A 104 -25.51 -19.28 -6.86
CA LEU A 104 -25.12 -19.99 -5.66
C LEU A 104 -24.09 -19.19 -4.87
N ASP A 105 -24.18 -19.27 -3.56
CA ASP A 105 -23.20 -18.68 -2.66
C ASP A 105 -22.46 -19.80 -1.91
N GLU A 106 -21.20 -20.01 -2.24
CA GLU A 106 -20.40 -20.99 -1.51
C GLU A 106 -19.97 -20.25 -0.26
N SER A 107 -20.65 -20.59 0.84
CA SER A 107 -20.65 -19.75 2.03
C SER A 107 -20.02 -20.36 3.28
N GLU A 108 -19.30 -19.52 3.98
CA GLU A 108 -18.62 -19.85 5.21
C GLU A 108 -19.60 -19.87 6.40
N VAL A 109 -20.82 -19.40 6.17
CA VAL A 109 -21.89 -19.42 7.15
C VAL A 109 -22.41 -20.85 7.36
N LEU A 110 -22.42 -21.65 6.30
CA LEU A 110 -22.66 -23.08 6.42
C LEU A 110 -21.36 -23.77 6.90
N THR A 111 -21.49 -24.99 7.40
CA THR A 111 -20.39 -25.77 7.91
C THR A 111 -19.56 -26.26 6.74
N MET A 112 -18.28 -25.94 6.70
CA MET A 112 -17.42 -26.39 5.62
C MET A 112 -17.54 -27.87 5.37
N ALA A 113 -17.47 -28.25 4.11
CA ALA A 113 -17.55 -29.66 3.72
C ALA A 113 -16.15 -30.19 3.39
N ASP A 114 -15.26 -29.34 2.92
CA ASP A 114 -13.89 -29.71 2.57
C ASP A 114 -12.98 -28.58 3.09
N GLU A 115 -12.04 -28.90 3.96
CA GLU A 115 -11.23 -27.85 4.58
C GLU A 115 -10.05 -27.36 3.71
N TYR A 116 -9.75 -28.06 2.64
CA TYR A 116 -8.64 -27.68 1.77
C TYR A 116 -9.06 -27.16 0.37
N ASN A 117 -10.21 -27.59 -0.14
CA ASN A 117 -10.64 -27.27 -1.50
C ASN A 117 -12.01 -26.60 -1.57
N HIS A 118 -12.10 -25.41 -2.16
CA HIS A 118 -13.41 -24.91 -2.54
C HIS A 118 -13.90 -25.63 -3.80
N ILE A 119 -15.16 -25.38 -4.14
CA ILE A 119 -15.79 -25.91 -5.35
C ILE A 119 -15.11 -25.39 -6.62
N ASN A 120 -14.85 -26.27 -7.58
CA ASN A 120 -14.39 -25.84 -8.92
C ASN A 120 -15.56 -25.21 -9.64
N LYS A 121 -15.70 -23.90 -9.52
CA LYS A 121 -16.89 -23.21 -9.95
C LYS A 121 -17.02 -23.13 -11.46
N HIS A 122 -15.92 -23.41 -12.17
CA HIS A 122 -15.92 -23.42 -13.64
C HIS A 122 -16.81 -24.49 -14.24
N LYS A 123 -17.06 -25.56 -13.51
CA LYS A 123 -17.87 -26.66 -14.03
C LYS A 123 -19.40 -26.43 -13.97
N PHE A 124 -19.83 -25.22 -13.65
CA PHE A 124 -21.22 -24.90 -13.49
C PHE A 124 -21.58 -23.71 -14.37
N LYS A 125 -22.75 -23.78 -15.00
CA LYS A 125 -23.31 -22.64 -15.70
C LYS A 125 -23.91 -21.62 -14.73
N THR A 126 -24.37 -22.08 -13.57
CA THR A 126 -24.87 -21.17 -12.56
C THR A 126 -23.71 -20.34 -12.02
N PRO A 127 -23.91 -19.02 -11.91
CA PRO A 127 -22.83 -18.21 -11.37
C PRO A 127 -22.75 -18.37 -9.88
N PHE A 128 -21.55 -18.27 -9.34
CA PHE A 128 -21.32 -18.35 -7.91
C PHE A 128 -20.86 -17.03 -7.35
N VAL A 129 -21.27 -16.79 -6.11
CA VAL A 129 -20.69 -15.72 -5.36
C VAL A 129 -19.94 -16.39 -4.21
N CYS A 130 -18.78 -15.83 -3.88
CA CYS A 130 -17.99 -16.24 -2.71
C CYS A 130 -17.61 -15.03 -1.85
N GLY A 131 -17.29 -15.30 -0.58
CA GLY A 131 -16.82 -14.27 0.34
C GLY A 131 -15.33 -14.06 0.32
N CYS A 132 -14.90 -12.88 0.77
CA CYS A 132 -13.49 -12.59 0.93
C CYS A 132 -13.26 -11.58 2.02
N THR A 133 -12.07 -11.59 2.59
CA THR A 133 -11.68 -10.58 3.54
C THR A 133 -10.47 -9.80 3.06
N ASN A 134 -9.96 -10.09 1.87
CA ASN A 134 -8.82 -9.37 1.31
C ASN A 134 -8.68 -9.69 -0.18
N LEU A 135 -7.80 -9.00 -0.88
CA LEU A 135 -7.70 -9.15 -2.33
C LEU A 135 -7.27 -10.53 -2.82
N GLY A 136 -6.33 -11.15 -2.13
CA GLY A 136 -5.82 -12.43 -2.60
C GLY A 136 -6.86 -13.52 -2.53
N GLU A 137 -7.60 -13.52 -1.43
CA GLU A 137 -8.68 -14.44 -1.22
C GLU A 137 -9.73 -14.28 -2.35
N ALA A 138 -10.10 -13.05 -2.64
CA ALA A 138 -11.09 -12.76 -3.67
C ALA A 138 -10.59 -13.34 -4.94
N LEU A 139 -9.35 -13.00 -5.28
CA LEU A 139 -8.78 -13.41 -6.56
C LEU A 139 -8.64 -14.93 -6.65
N ARG A 140 -8.36 -15.58 -5.53
CA ARG A 140 -8.33 -17.02 -5.53
C ARG A 140 -9.74 -17.58 -5.83
N ARG A 141 -10.75 -16.99 -5.19
CA ARG A 141 -12.14 -17.43 -5.38
C ARG A 141 -12.57 -17.26 -6.84
N ILE A 142 -12.18 -16.13 -7.43
CA ILE A 142 -12.47 -15.83 -8.83
C ILE A 142 -11.66 -16.73 -9.71
N SER A 143 -10.47 -17.05 -9.26
CA SER A 143 -9.65 -17.95 -10.06
C SER A 143 -10.33 -19.34 -10.15
N GLU A 144 -11.00 -19.80 -9.06
CA GLU A 144 -11.73 -21.06 -9.07
C GLU A 144 -13.08 -20.98 -9.81
N GLY A 145 -13.46 -19.78 -10.25
CA GLY A 145 -14.62 -19.56 -11.09
C GLY A 145 -15.73 -18.73 -10.47
N ALA A 146 -15.49 -18.11 -9.32
CA ALA A 146 -16.56 -17.26 -8.77
C ALA A 146 -16.82 -16.17 -9.80
N SER A 147 -18.09 -15.86 -10.03
CA SER A 147 -18.51 -14.75 -10.87
C SER A 147 -18.69 -13.49 -10.09
N MET A 148 -18.76 -13.59 -8.77
CA MET A 148 -19.07 -12.44 -7.90
C MET A 148 -18.39 -12.62 -6.52
N ILE A 149 -18.14 -11.49 -5.83
CA ILE A 149 -17.50 -11.55 -4.52
C ILE A 149 -18.30 -10.74 -3.51
N ARG A 150 -18.27 -11.15 -2.26
CA ARG A 150 -18.81 -10.32 -1.22
C ARG A 150 -17.83 -10.34 -0.11
N THR A 151 -17.99 -9.42 0.82
CA THR A 151 -17.21 -9.46 2.04
C THR A 151 -17.81 -10.51 2.92
N LYS A 152 -17.03 -11.00 3.86
CA LYS A 152 -17.53 -11.91 4.88
C LYS A 152 -18.17 -11.14 6.00
N GLY A 153 -17.53 -10.04 6.40
CA GLY A 153 -17.89 -9.37 7.65
C GLY A 153 -18.00 -10.39 8.79
N GLU A 154 -18.80 -10.06 9.79
CA GLU A 154 -19.15 -10.97 10.88
C GLU A 154 -20.64 -11.31 10.73
N ALA A 155 -20.92 -12.37 9.96
CA ALA A 155 -22.30 -12.76 9.68
C ALA A 155 -23.18 -13.02 10.93
N GLY A 156 -24.37 -12.43 10.92
CA GLY A 156 -25.38 -12.64 11.95
C GLY A 156 -25.20 -11.91 13.26
N THR A 157 -24.19 -11.05 13.36
CA THR A 157 -23.88 -10.33 14.61
C THR A 157 -24.50 -8.96 14.64
N GLY A 158 -24.87 -8.45 13.47
CA GLY A 158 -25.50 -7.12 13.36
C GLY A 158 -24.50 -6.02 13.60
N ASN A 159 -23.23 -6.39 13.52
CA ASN A 159 -22.13 -5.48 13.75
C ASN A 159 -21.37 -5.29 12.45
N ILE A 160 -21.24 -4.02 12.07
CA ILE A 160 -20.75 -3.69 10.77
C ILE A 160 -19.22 -3.72 10.71
N ILE A 161 -18.57 -3.83 11.87
CA ILE A 161 -17.13 -3.50 11.92
C ILE A 161 -16.22 -4.36 11.02
N GLU A 162 -16.43 -5.66 10.94
CA GLU A 162 -15.61 -6.49 10.10
C GLU A 162 -15.88 -6.24 8.61
N ALA A 163 -17.15 -6.04 8.20
CA ALA A 163 -17.43 -5.78 6.80
C ALA A 163 -16.65 -4.55 6.37
N ILE A 164 -16.64 -3.51 7.20
CA ILE A 164 -15.96 -2.27 6.86
C ILE A 164 -14.44 -2.51 6.68
N LYS A 165 -13.84 -3.25 7.59
CA LYS A 165 -12.42 -3.63 7.45
C LYS A 165 -12.20 -4.32 6.12
N HIS A 166 -13.04 -5.29 5.81
CA HIS A 166 -12.87 -6.06 4.58
C HIS A 166 -13.04 -5.22 3.34
N ILE A 167 -14.01 -4.32 3.36
CA ILE A 167 -14.19 -3.41 2.24
C ILE A 167 -12.91 -2.61 2.05
N ARG A 168 -12.47 -1.91 3.09
CA ARG A 168 -11.29 -1.05 2.99
C ARG A 168 -10.00 -1.79 2.57
N THR A 169 -9.78 -2.96 3.17
CA THR A 169 -8.59 -3.73 2.82
C THR A 169 -8.52 -4.05 1.30
N VAL A 170 -9.59 -4.58 0.77
CA VAL A 170 -9.59 -4.90 -0.63
C VAL A 170 -9.45 -3.64 -1.45
N ASN A 171 -10.16 -2.59 -1.05
CA ASN A 171 -10.20 -1.41 -1.85
C ASN A 171 -8.84 -0.71 -1.88
N ASN A 172 -8.13 -0.70 -0.74
CA ASN A 172 -6.77 -0.16 -0.66
C ASN A 172 -5.78 -1.04 -1.41
N GLU A 173 -5.92 -2.35 -1.23
CA GLU A 173 -5.00 -3.28 -1.90
C GLU A 173 -5.11 -3.10 -3.43
N ILE A 174 -6.34 -2.94 -3.89
CA ILE A 174 -6.56 -2.74 -5.32
C ILE A 174 -5.91 -1.45 -5.79
N LYS A 175 -6.03 -0.36 -5.03
CA LYS A 175 -5.43 0.91 -5.47
C LYS A 175 -3.90 0.83 -5.44
N TYR A 176 -3.37 0.19 -4.41
CA TYR A 176 -1.92 0.01 -4.26
C TYR A 176 -1.32 -0.84 -5.38
N LEU A 177 -1.94 -1.97 -5.62
CA LEU A 177 -1.55 -2.83 -6.72
C LEU A 177 -1.41 -2.01 -8.00
N CYS A 178 -2.40 -1.14 -8.27
CA CYS A 178 -2.39 -0.30 -9.48
C CYS A 178 -1.22 0.68 -9.53
N SER A 179 -0.76 1.14 -8.37
CA SER A 179 0.42 2.00 -8.28
C SER A 179 1.77 1.28 -8.47
N LEU A 180 1.83 -0.03 -8.26
CA LEU A 180 3.16 -0.73 -8.26
C LEU A 180 3.78 -0.73 -9.64
N ASP A 181 5.11 -0.73 -9.73
CA ASP A 181 5.69 -0.86 -11.07
C ASP A 181 5.53 -2.31 -11.52
N GLU A 182 5.44 -2.52 -12.84
CA GLU A 182 5.16 -3.84 -13.38
C GLU A 182 6.11 -4.93 -12.88
N SER A 183 7.36 -4.57 -12.57
CA SER A 183 8.33 -5.52 -12.04
C SER A 183 8.03 -5.93 -10.59
N GLU A 184 7.35 -5.07 -9.85
CA GLU A 184 7.07 -5.34 -8.43
C GLU A 184 5.84 -6.24 -8.25
N VAL A 185 5.11 -6.45 -9.34
CA VAL A 185 3.82 -7.13 -9.27
C VAL A 185 3.96 -8.63 -9.01
N TYR A 186 5.11 -9.20 -9.35
CA TYR A 186 5.36 -10.63 -9.12
C TYR A 186 5.49 -11.01 -7.64
N ASN A 187 6.33 -10.30 -6.89
CA ASN A 187 6.49 -10.58 -5.45
C ASN A 187 5.22 -10.22 -4.66
N PHE A 188 4.50 -9.20 -5.11
CA PHE A 188 3.23 -8.87 -4.52
C PHE A 188 2.19 -10.01 -4.72
N ALA A 189 2.15 -10.56 -5.94
CA ALA A 189 1.33 -11.74 -6.25
C ALA A 189 1.71 -12.89 -5.32
N LYS A 190 3.00 -13.14 -5.16
CA LYS A 190 3.49 -14.12 -4.19
C LYS A 190 2.97 -13.80 -2.79
N LYS A 191 3.14 -12.56 -2.35
CA LYS A 191 2.70 -12.16 -1.02
C LYS A 191 1.22 -12.38 -0.79
N LEU A 192 0.39 -12.04 -1.79
CA LEU A 192 -1.05 -12.24 -1.72
C LEU A 192 -1.44 -13.68 -2.02
N ARG A 193 -0.48 -14.48 -2.48
CA ARG A 193 -0.76 -15.80 -3.00
C ARG A 193 -1.97 -15.72 -3.92
N ALA A 194 -1.81 -14.94 -4.98
CA ALA A 194 -2.86 -14.78 -5.98
C ALA A 194 -2.29 -15.08 -7.33
N PRO A 195 -3.16 -15.43 -8.28
CA PRO A 195 -2.69 -15.70 -9.60
C PRO A 195 -2.31 -14.43 -10.32
N ILE A 196 -1.08 -14.37 -10.78
CA ILE A 196 -0.57 -13.16 -11.47
C ILE A 196 -1.56 -12.60 -12.49
N ASP A 197 -2.22 -13.46 -13.26
CA ASP A 197 -2.97 -12.99 -14.41
C ASP A 197 -4.25 -12.28 -13.99
N LEU A 198 -4.79 -12.67 -12.85
CA LEU A 198 -5.94 -11.97 -12.29
C LEU A 198 -5.46 -10.71 -11.60
N ILE A 199 -4.21 -10.70 -11.11
CA ILE A 199 -3.60 -9.47 -10.60
C ILE A 199 -3.32 -8.46 -11.71
N LEU A 200 -2.81 -8.91 -12.85
CA LEU A 200 -2.64 -8.04 -13.99
C LEU A 200 -3.99 -7.52 -14.51
N LEU A 201 -5.05 -8.33 -14.40
CA LEU A 201 -6.38 -7.90 -14.89
C LEU A 201 -6.99 -6.81 -13.99
N THR A 202 -6.95 -7.01 -12.68
CA THR A 202 -7.40 -5.99 -11.71
C THR A 202 -6.66 -4.66 -11.94
N ARG A 203 -5.39 -4.80 -12.24
CA ARG A 203 -4.53 -3.67 -12.49
C ARG A 203 -4.97 -2.92 -13.75
N LYS A 204 -5.24 -3.64 -14.83
CA LYS A 204 -5.74 -3.01 -16.06
C LYS A 204 -7.14 -2.42 -15.89
N LEU A 205 -8.00 -3.05 -15.07
CA LEU A 205 -9.38 -2.55 -14.85
C LEU A 205 -9.52 -1.49 -13.76
N LYS A 206 -8.57 -1.48 -12.83
CA LYS A 206 -8.59 -0.58 -11.67
C LYS A 206 -9.77 -0.86 -10.76
N ARG A 207 -10.19 -2.10 -10.75
CA ARG A 207 -11.19 -2.62 -9.84
C ARG A 207 -11.13 -4.14 -9.84
N LEU A 208 -11.88 -4.75 -8.96
CA LEU A 208 -12.06 -6.19 -8.97
C LEU A 208 -12.68 -6.58 -10.32
N PRO A 209 -12.26 -7.70 -10.90
CA PRO A 209 -12.84 -8.10 -12.19
C PRO A 209 -14.28 -8.63 -12.11
N VAL A 210 -14.92 -8.55 -10.95
CA VAL A 210 -16.30 -9.02 -10.80
C VAL A 210 -17.11 -8.05 -9.94
N VAL A 211 -18.43 -8.15 -10.03
CA VAL A 211 -19.29 -7.44 -9.10
C VAL A 211 -18.87 -7.82 -7.66
N ASN A 212 -18.95 -6.87 -6.74
CA ASN A 212 -18.42 -7.03 -5.40
C ASN A 212 -19.38 -6.40 -4.39
N PHE A 213 -20.05 -7.23 -3.58
CA PHE A 213 -21.06 -6.77 -2.62
C PHE A 213 -20.53 -6.74 -1.18
N ALA A 214 -21.18 -5.92 -0.36
CA ALA A 214 -20.97 -5.87 1.06
C ALA A 214 -21.87 -6.90 1.70
N ALA A 215 -21.39 -7.57 2.73
CA ALA A 215 -22.18 -8.63 3.36
C ALA A 215 -21.66 -8.84 4.76
N GLY A 216 -22.57 -8.91 5.74
CA GLY A 216 -22.25 -9.23 7.11
C GLY A 216 -22.49 -8.08 8.07
N GLY A 217 -23.49 -8.22 8.94
CA GLY A 217 -23.69 -7.27 10.02
C GLY A 217 -24.38 -5.95 9.67
N ILE A 218 -25.03 -5.90 8.53
CA ILE A 218 -25.76 -4.71 8.12
C ILE A 218 -27.13 -4.71 8.81
N ALA A 219 -27.27 -3.81 9.77
CA ALA A 219 -28.45 -3.74 10.65
C ALA A 219 -29.34 -2.52 10.39
N THR A 220 -28.80 -1.47 9.76
CA THR A 220 -29.53 -0.23 9.54
C THR A 220 -29.25 0.30 8.12
N PRO A 221 -30.09 1.24 7.64
CA PRO A 221 -29.82 1.97 6.40
C PRO A 221 -28.50 2.74 6.44
N ALA A 222 -28.11 3.26 7.61
CA ALA A 222 -26.78 3.89 7.74
C ALA A 222 -25.71 2.87 7.41
N ASP A 223 -25.81 1.65 7.92
CA ASP A 223 -24.78 0.62 7.62
C ASP A 223 -24.73 0.32 6.12
N ALA A 224 -25.88 0.12 5.49
CA ALA A 224 -25.87 -0.19 4.06
C ALA A 224 -25.25 0.96 3.27
N ALA A 225 -25.71 2.17 3.56
CA ALA A 225 -25.27 3.31 2.80
C ALA A 225 -23.77 3.51 2.95
N MET A 226 -23.25 3.26 4.15
CA MET A 226 -21.81 3.33 4.40
C MET A 226 -21.03 2.38 3.50
N CYS A 227 -21.48 1.15 3.39
CA CYS A 227 -20.84 0.19 2.49
C CYS A 227 -20.89 0.69 1.07
N MET A 228 -21.99 1.27 0.66
CA MET A 228 -22.05 1.83 -0.69
C MET A 228 -21.09 3.04 -0.83
N GLN A 229 -21.09 3.97 0.12
CA GLN A 229 -20.14 5.10 0.04
C GLN A 229 -18.68 4.64 -0.03
N LEU A 230 -18.37 3.45 0.50
CA LEU A 230 -17.00 2.89 0.38
C LEU A 230 -16.79 2.16 -0.95
N GLY A 231 -17.77 2.28 -1.85
CA GLY A 231 -17.58 1.86 -3.23
C GLY A 231 -18.07 0.47 -3.55
N MET A 232 -18.87 -0.13 -2.69
CA MET A 232 -19.37 -1.44 -3.03
C MET A 232 -20.50 -1.37 -4.06
N ASP A 233 -20.77 -2.45 -4.77
CA ASP A 233 -21.81 -2.43 -5.83
C ASP A 233 -23.17 -2.86 -5.35
N GLY A 234 -23.27 -3.20 -4.08
CA GLY A 234 -24.48 -3.79 -3.55
C GLY A 234 -24.26 -4.39 -2.18
N VAL A 235 -25.35 -4.91 -1.65
CA VAL A 235 -25.38 -5.42 -0.29
C VAL A 235 -26.21 -6.72 -0.18
N PHE A 236 -25.76 -7.61 0.71
CA PHE A 236 -26.55 -8.72 1.24
C PHE A 236 -26.85 -8.41 2.66
N VAL A 237 -28.07 -8.75 3.08
CA VAL A 237 -28.56 -8.51 4.41
C VAL A 237 -29.34 -9.77 4.78
N GLY A 238 -29.03 -10.35 5.94
CA GLY A 238 -29.74 -11.51 6.42
C GLY A 238 -30.47 -11.19 7.69
N SER A 239 -29.72 -11.23 8.78
CA SER A 239 -30.31 -11.19 10.10
C SER A 239 -30.97 -9.86 10.43
N GLY A 240 -30.44 -8.78 9.84
CA GLY A 240 -30.83 -7.42 10.20
C GLY A 240 -32.25 -7.02 9.86
N ILE A 241 -32.92 -7.80 9.01
CA ILE A 241 -34.26 -7.50 8.57
C ILE A 241 -35.25 -8.20 9.48
N PHE A 242 -35.16 -9.52 9.50
CA PHE A 242 -36.18 -10.34 10.15
C PHE A 242 -36.00 -10.51 11.63
N GLU A 243 -34.88 -10.03 12.17
CA GLU A 243 -34.75 -9.95 13.62
C GLU A 243 -34.90 -8.50 14.13
N SER A 244 -35.21 -7.58 13.20
CA SER A 244 -35.58 -6.20 13.57
C SER A 244 -37.04 -6.13 14.00
N GLU A 245 -37.45 -4.99 14.54
CA GLU A 245 -38.81 -4.81 15.10
C GLU A 245 -39.84 -4.89 13.98
N ASN A 246 -39.57 -4.13 12.92
CA ASN A 246 -40.46 -3.99 11.77
C ASN A 246 -39.78 -4.43 10.48
N PRO A 247 -39.81 -5.72 10.19
CA PRO A 247 -39.07 -6.24 9.04
C PRO A 247 -39.38 -5.59 7.71
N GLN A 248 -40.67 -5.40 7.42
CA GLN A 248 -41.09 -4.78 6.18
C GLN A 248 -40.45 -3.42 6.03
N LYS A 249 -40.58 -2.57 7.04
CA LYS A 249 -40.09 -1.21 6.91
C LYS A 249 -38.56 -1.17 6.93
N MET A 250 -37.92 -2.04 7.71
CA MET A 250 -36.45 -2.13 7.68
C MET A 250 -35.96 -2.59 6.30
N ALA A 251 -36.64 -3.57 5.73
CA ALA A 251 -36.30 -4.06 4.39
C ALA A 251 -36.43 -2.94 3.37
N SER A 252 -37.59 -2.30 3.27
CA SER A 252 -37.78 -1.22 2.29
C SER A 252 -36.80 -0.05 2.47
N SER A 253 -36.50 0.33 3.69
CA SER A 253 -35.58 1.45 3.91
C SER A 253 -34.15 1.05 3.62
N ILE A 254 -33.80 -0.21 3.76
CA ILE A 254 -32.45 -0.59 3.35
C ILE A 254 -32.30 -0.38 1.84
N VAL A 255 -33.30 -0.82 1.08
CA VAL A 255 -33.24 -0.75 -0.38
C VAL A 255 -33.12 0.67 -0.86
N MET A 256 -33.92 1.55 -0.28
CA MET A 256 -33.86 2.96 -0.60
C MET A 256 -32.49 3.54 -0.28
N ALA A 257 -31.94 3.15 0.86
CA ALA A 257 -30.59 3.56 1.24
C ALA A 257 -29.55 3.08 0.24
N VAL A 258 -29.68 1.86 -0.26
CA VAL A 258 -28.70 1.36 -1.21
C VAL A 258 -28.85 2.13 -2.55
N SER A 259 -30.09 2.33 -3.00
CA SER A 259 -30.37 3.10 -4.23
C SER A 259 -29.98 4.57 -4.12
N ASN A 260 -30.04 5.10 -2.91
CA ASN A 260 -29.80 6.52 -2.68
C ASN A 260 -28.70 6.78 -1.68
N PHE A 261 -27.61 6.02 -1.78
CA PHE A 261 -26.60 6.00 -0.71
C PHE A 261 -25.82 7.30 -0.50
N ASN A 262 -25.92 8.22 -1.46
CA ASN A 262 -25.25 9.50 -1.32
C ASN A 262 -26.18 10.67 -0.99
N ASN A 263 -27.41 10.36 -0.58
CA ASN A 263 -28.42 11.37 -0.29
C ASN A 263 -28.81 11.39 1.21
N PRO A 264 -28.27 12.34 1.97
CA PRO A 264 -28.58 12.48 3.40
C PRO A 264 -30.05 12.62 3.69
N LYS A 265 -30.75 13.41 2.88
CA LYS A 265 -32.16 13.71 3.10
C LYS A 265 -32.99 12.45 3.09
N ILE A 266 -32.74 11.60 2.10
CA ILE A 266 -33.49 10.36 1.98
C ILE A 266 -33.09 9.45 3.12
N LEU A 267 -31.78 9.30 3.28
CA LEU A 267 -31.19 8.48 4.36
C LEU A 267 -31.73 8.83 5.74
N LEU A 268 -31.83 10.12 5.99
CA LEU A 268 -32.55 10.59 7.16
C LEU A 268 -33.96 10.08 7.08
N ASN A 269 -34.64 10.43 5.99
CA ASN A 269 -36.06 10.14 5.89
C ASN A 269 -36.39 8.69 6.18
N VAL A 270 -35.57 7.76 5.72
CA VAL A 270 -35.89 6.35 5.87
C VAL A 270 -35.45 5.72 7.21
N SER A 271 -34.61 6.44 7.95
CA SER A 271 -34.25 6.04 9.30
C SER A 271 -35.28 6.49 10.33
N LEU A 272 -35.97 7.60 10.08
CA LEU A 272 -37.01 8.08 11.01
C LEU A 272 -37.95 6.96 11.44
N GLY A 273 -38.15 6.84 12.76
CA GLY A 273 -39.20 5.97 13.34
C GLY A 273 -39.19 4.57 12.76
N LEU A 274 -37.98 4.09 12.47
CA LEU A 274 -37.78 2.83 11.77
C LEU A 274 -38.11 1.66 12.67
N GLY A 275 -37.95 1.89 13.97
CA GLY A 275 -38.10 0.84 14.97
C GLY A 275 -36.74 0.36 15.42
N LYS A 276 -36.76 -0.57 16.36
CA LYS A 276 -35.58 -1.14 16.96
C LYS A 276 -34.91 -2.10 15.98
N ALA A 277 -33.65 -1.83 15.64
CA ALA A 277 -32.86 -2.71 14.78
C ALA A 277 -32.50 -3.98 15.55
N MET A 278 -32.06 -5.00 14.82
CA MET A 278 -31.64 -6.24 15.47
C MET A 278 -30.72 -5.94 16.65
N HIS A 279 -31.02 -6.56 17.79
CA HIS A 279 -30.22 -6.39 18.99
C HIS A 279 -28.73 -6.68 18.73
N GLY A 280 -28.48 -7.78 18.03
CA GLY A 280 -27.13 -8.16 17.66
C GLY A 280 -26.33 -8.84 18.76
N ASN A 281 -25.09 -9.17 18.43
CA ASN A 281 -24.18 -9.78 19.39
C ASN A 281 -22.75 -9.28 19.21
N THR A 282 -22.33 -8.49 20.19
CA THR A 282 -20.99 -7.98 20.31
C THR A 282 -20.39 -8.97 21.28
N LYS A 283 -19.78 -10.02 20.74
CA LYS A 283 -19.55 -11.24 21.53
C LYS A 283 -18.85 -10.90 22.85
N VAL A 284 -19.20 -11.64 23.92
CA VAL A 284 -18.66 -11.40 25.28
C VAL A 284 -17.20 -10.91 25.27
N ILE B 10 13.00 30.44 4.76
CA ILE B 10 11.88 30.02 3.87
C ILE B 10 12.36 28.87 2.92
N LEU B 11 12.32 29.07 1.58
CA LEU B 11 12.65 28.00 0.62
C LEU B 11 13.65 28.38 -0.52
N LEU B 12 14.55 29.33 -0.25
CA LEU B 12 15.78 29.45 -1.02
C LEU B 12 16.66 28.23 -0.70
N LYS B 13 16.49 27.68 0.50
CA LYS B 13 17.12 26.42 0.92
C LYS B 13 16.82 25.32 -0.09
N HIS B 14 15.53 25.14 -0.38
CA HIS B 14 15.07 24.16 -1.37
C HIS B 14 15.65 24.49 -2.72
N GLY B 15 15.37 25.71 -3.17
CA GLY B 15 15.95 26.30 -4.37
C GLY B 15 17.43 25.98 -4.57
N TRP B 16 18.21 26.09 -3.50
CA TRP B 16 19.62 25.77 -3.59
C TRP B 16 19.80 24.27 -3.87
N CYS B 17 19.06 23.46 -3.12
CA CYS B 17 19.12 22.02 -3.27
C CYS B 17 18.68 21.55 -4.65
N GLU B 18 17.77 22.28 -5.28
CA GLU B 18 17.22 21.91 -6.58
C GLU B 18 18.34 21.73 -7.63
N MET B 19 19.37 22.55 -7.51
CA MET B 19 20.50 22.59 -8.47
C MET B 19 21.37 21.34 -8.41
N LEU B 20 21.16 20.55 -7.35
CA LEU B 20 21.80 19.24 -7.18
C LEU B 20 21.20 18.12 -8.03
N LYS B 21 19.95 18.26 -8.47
CA LYS B 21 19.31 17.22 -9.26
C LYS B 21 20.24 16.74 -10.36
N GLY B 22 20.33 15.42 -10.53
CA GLY B 22 21.16 14.81 -11.57
C GLY B 22 22.62 14.77 -11.22
N GLY B 23 22.95 15.07 -9.96
CA GLY B 23 24.34 15.14 -9.57
C GLY B 23 24.90 14.03 -8.69
N VAL B 24 26.22 14.04 -8.58
CA VAL B 24 26.96 13.14 -7.73
C VAL B 24 27.75 13.95 -6.70
N ILE B 25 27.54 13.68 -5.42
CA ILE B 25 28.36 14.26 -4.37
C ILE B 25 29.28 13.18 -3.87
N MET B 26 30.54 13.54 -3.65
CA MET B 26 31.54 12.55 -3.28
C MET B 26 32.23 12.86 -1.98
N ASP B 27 32.47 11.83 -1.19
CA ASP B 27 33.15 11.96 0.09
C ASP B 27 34.67 12.09 -0.15
N VAL B 28 35.28 13.10 0.42
CA VAL B 28 36.73 13.23 0.31
C VAL B 28 37.32 13.50 1.67
N LYS B 29 38.49 12.93 1.95
CA LYS B 29 39.24 13.31 3.17
C LYS B 29 40.41 14.27 2.88
N ASN B 30 40.58 14.73 1.64
CA ASN B 30 41.72 15.59 1.33
C ASN B 30 41.65 16.27 -0.04
N VAL B 31 42.67 17.10 -0.31
CA VAL B 31 42.75 17.84 -1.55
C VAL B 31 42.81 16.96 -2.81
N GLU B 32 43.74 15.99 -2.89
CA GLU B 32 43.84 15.19 -4.13
C GLU B 32 42.49 14.56 -4.40
N GLN B 33 41.95 13.91 -3.38
CA GLN B 33 40.63 13.29 -3.51
C GLN B 33 39.59 14.26 -3.98
N ALA B 34 39.61 15.47 -3.44
CA ALA B 34 38.65 16.49 -3.83
C ALA B 34 38.89 16.96 -5.27
N LYS B 35 40.14 16.99 -5.71
CA LYS B 35 40.48 17.41 -7.08
C LYS B 35 40.02 16.36 -8.09
N ILE B 36 40.33 15.11 -7.78
CA ILE B 36 39.80 13.97 -8.51
C ILE B 36 38.28 14.10 -8.71
N ALA B 37 37.58 14.53 -7.65
CA ALA B 37 36.11 14.68 -7.71
C ALA B 37 35.68 15.82 -8.63
N GLU B 38 36.37 16.94 -8.59
CA GLU B 38 36.05 18.05 -9.50
C GLU B 38 36.28 17.64 -10.94
N LYS B 39 37.40 16.98 -11.18
CA LYS B 39 37.73 16.45 -12.50
C LYS B 39 36.70 15.41 -12.99
N ALA B 40 36.04 14.71 -12.07
CA ALA B 40 35.05 13.69 -12.44
C ALA B 40 33.73 14.32 -12.85
N GLY B 41 33.49 15.57 -12.46
CA GLY B 41 32.22 16.25 -12.71
C GLY B 41 31.20 16.19 -11.56
N ALA B 42 31.67 15.81 -10.36
CA ALA B 42 30.84 15.88 -9.12
C ALA B 42 30.33 17.30 -8.90
N ILE B 43 29.10 17.47 -8.43
CA ILE B 43 28.62 18.84 -8.15
C ILE B 43 29.05 19.30 -6.76
N GLY B 44 29.52 18.37 -5.95
CA GLY B 44 29.97 18.74 -4.65
C GLY B 44 30.84 17.67 -4.05
N VAL B 45 31.61 18.08 -3.05
CA VAL B 45 32.32 17.13 -2.21
C VAL B 45 31.81 17.19 -0.79
N MET B 46 31.99 16.06 -0.11
CA MET B 46 31.52 15.88 1.26
C MET B 46 32.77 15.57 2.06
N ILE B 47 33.15 16.49 2.94
CA ILE B 47 34.47 16.46 3.55
C ILE B 47 34.42 15.69 4.87
N LEU B 48 35.28 14.68 5.02
CA LEU B 48 35.28 13.85 6.23
C LEU B 48 36.68 13.60 6.75
N GLU B 49 36.79 13.38 8.05
CA GLU B 49 38.04 12.90 8.65
C GLU B 49 38.43 11.60 8.00
N ASN B 50 37.43 10.73 7.92
CA ASN B 50 37.58 9.39 7.34
C ASN B 50 36.36 9.06 6.49
N ILE B 51 36.59 8.26 5.44
CA ILE B 51 35.49 7.81 4.59
C ILE B 51 34.93 6.48 5.10
N PRO B 52 33.59 6.31 5.02
CA PRO B 52 32.84 5.29 5.80
C PRO B 52 33.42 3.88 5.87
N SER B 53 33.96 3.39 4.75
CA SER B 53 34.62 2.08 4.72
C SER B 53 35.77 1.96 5.73
N GLU B 54 36.53 3.03 5.93
CA GLU B 54 37.68 2.99 6.85
C GLU B 54 37.22 3.27 8.31
N LEU B 55 36.03 3.84 8.45
CA LEU B 55 35.38 4.01 9.76
C LEU B 55 34.69 2.74 10.33
N ARG B 56 34.76 1.62 9.62
CA ARG B 56 33.94 0.46 9.96
C ARG B 56 34.63 -0.59 10.82
N ASN B 57 35.94 -0.74 10.70
CA ASN B 57 36.66 -1.62 11.64
C ASN B 57 37.28 -0.85 12.81
N THR B 58 36.94 0.44 12.95
CA THR B 58 37.48 1.28 14.03
C THR B 58 36.39 1.69 15.02
N ASP B 59 36.71 1.62 16.32
CA ASP B 59 35.79 2.01 17.38
C ASP B 59 36.11 3.38 18.00
N GLY B 60 36.60 4.30 17.18
CA GLY B 60 36.85 5.67 17.62
C GLY B 60 35.62 6.55 17.50
N VAL B 61 35.66 7.72 18.14
CA VAL B 61 34.55 8.65 18.07
C VAL B 61 34.73 9.48 16.83
N ALA B 62 33.82 9.29 15.87
CA ALA B 62 33.88 10.00 14.61
C ALA B 62 33.16 11.34 14.75
N ARG B 63 33.90 12.43 14.58
CA ARG B 63 33.34 13.77 14.73
C ARG B 63 33.40 14.52 13.40
N SER B 64 32.71 15.66 13.35
CA SER B 64 32.81 16.52 12.17
C SER B 64 34.27 16.91 12.02
N VAL B 65 34.61 17.34 10.83
CA VAL B 65 36.00 17.49 10.42
C VAL B 65 36.57 18.82 10.94
N ASP B 66 37.88 18.89 11.18
CA ASP B 66 38.53 20.17 11.52
C ASP B 66 38.15 21.22 10.48
N PRO B 67 37.66 22.38 10.91
CA PRO B 67 37.25 23.35 9.88
C PRO B 67 38.40 23.90 9.04
N LEU B 68 39.63 23.76 9.51
CA LEU B 68 40.78 24.13 8.70
C LEU B 68 40.88 23.23 7.48
N LYS B 69 40.56 21.96 7.67
CA LYS B 69 40.65 20.98 6.60
C LYS B 69 39.74 21.38 5.45
N ILE B 70 38.57 21.90 5.82
CA ILE B 70 37.57 22.35 4.86
C ILE B 70 38.06 23.54 4.10
N GLU B 71 38.58 24.54 4.80
CA GLU B 71 39.11 25.73 4.13
C GLU B 71 40.20 25.32 3.16
N GLU B 72 41.15 24.50 3.59
CA GLU B 72 42.24 24.04 2.71
C GLU B 72 41.69 23.51 1.40
N ILE B 73 40.69 22.66 1.52
CA ILE B 73 40.08 21.99 0.38
C ILE B 73 39.23 22.92 -0.47
N ARG B 74 38.42 23.75 0.16
CA ARG B 74 37.56 24.68 -0.56
C ARG B 74 38.31 25.58 -1.53
N LYS B 75 39.46 26.09 -1.08
CA LYS B 75 40.23 27.03 -1.87
C LYS B 75 40.87 26.36 -3.11
N CYS B 76 41.02 25.03 -3.05
CA CYS B 76 41.63 24.25 -4.12
C CYS B 76 40.66 23.64 -5.13
N ILE B 77 39.36 23.93 -5.01
CA ILE B 77 38.34 23.48 -5.99
C ILE B 77 37.28 24.54 -6.04
N SER B 78 36.33 24.40 -6.95
CA SER B 78 35.28 25.42 -7.08
C SER B 78 33.85 24.88 -7.00
N ILE B 79 33.71 23.56 -6.97
CA ILE B 79 32.39 22.94 -6.75
C ILE B 79 31.94 23.06 -5.30
N ASN B 80 30.66 22.75 -5.07
CA ASN B 80 30.06 22.92 -3.74
C ASN B 80 30.76 22.09 -2.67
N VAL B 81 30.80 22.65 -1.47
CA VAL B 81 31.52 22.07 -0.35
C VAL B 81 30.54 21.73 0.79
N LEU B 82 30.56 20.47 1.21
CA LEU B 82 29.62 19.94 2.20
C LEU B 82 30.40 19.21 3.30
N ALA B 83 29.83 19.16 4.50
CA ALA B 83 30.48 18.46 5.63
C ALA B 83 29.47 17.78 6.56
N LYS B 84 29.97 16.83 7.32
CA LYS B 84 29.16 16.03 8.20
C LYS B 84 29.16 16.59 9.59
N VAL B 85 28.01 16.49 10.28
CA VAL B 85 27.94 16.72 11.74
C VAL B 85 27.29 15.55 12.44
N ARG B 86 27.65 15.34 13.70
CA ARG B 86 27.09 14.28 14.51
C ARG B 86 25.64 14.59 14.76
N ILE B 87 24.84 13.55 14.87
CA ILE B 87 23.44 13.70 15.07
C ILE B 87 23.26 14.39 16.40
N GLY B 88 22.48 15.47 16.40
CA GLY B 88 22.16 16.19 17.62
C GLY B 88 23.17 17.24 18.06
N HIS B 89 24.27 17.37 17.36
CA HIS B 89 25.33 18.29 17.73
C HIS B 89 25.13 19.65 17.09
N PHE B 90 24.26 20.45 17.69
CA PHE B 90 23.96 21.74 17.13
C PHE B 90 25.15 22.70 17.17
N VAL B 91 26.08 22.51 18.10
CA VAL B 91 27.25 23.40 18.11
C VAL B 91 28.26 23.13 16.97
N GLU B 92 28.52 21.87 16.64
CA GLU B 92 29.33 21.55 15.46
C GLU B 92 28.67 22.22 14.24
N ALA B 93 27.34 22.20 14.17
CA ALA B 93 26.63 22.92 13.10
C ALA B 93 26.90 24.45 13.19
N GLN B 94 26.64 25.05 14.35
CA GLN B 94 26.92 26.47 14.58
C GLN B 94 28.30 26.91 14.06
N ILE B 95 29.32 26.11 14.39
CA ILE B 95 30.70 26.39 13.97
C ILE B 95 30.83 26.38 12.44
N LEU B 96 30.29 25.34 11.82
CA LEU B 96 30.34 25.22 10.37
C LEU B 96 29.45 26.23 9.64
N GLU B 97 28.30 26.59 10.21
CA GLU B 97 27.44 27.60 9.60
C GLU B 97 28.18 28.94 9.58
N GLU B 98 28.90 29.19 10.65
CA GLU B 98 29.73 30.36 10.83
C GLU B 98 30.83 30.38 9.77
N LEU B 99 31.42 29.22 9.54
CA LEU B 99 32.45 29.04 8.52
C LEU B 99 31.91 29.19 7.11
N LYS B 100 30.60 29.12 6.95
CA LYS B 100 29.98 29.11 5.64
C LYS B 100 30.32 27.84 4.86
N VAL B 101 29.41 26.87 4.89
CA VAL B 101 29.55 25.68 4.09
C VAL B 101 28.31 25.69 3.22
N ASP B 102 28.32 24.94 2.12
CA ASP B 102 27.16 24.93 1.24
C ASP B 102 26.05 24.08 1.84
N MET B 103 26.42 23.01 2.54
CA MET B 103 25.41 22.12 3.12
C MET B 103 25.95 21.24 4.25
N LEU B 104 25.07 20.96 5.21
CA LEU B 104 25.40 20.05 6.30
C LEU B 104 24.63 18.74 6.21
N ASP B 105 25.35 17.66 6.49
CA ASP B 105 24.80 16.33 6.57
C ASP B 105 24.88 15.83 8.01
N GLU B 106 23.73 15.84 8.66
CA GLU B 106 23.60 15.33 10.02
C GLU B 106 23.52 13.83 9.85
N SER B 107 24.64 13.16 10.09
CA SER B 107 24.82 11.85 9.55
C SER B 107 25.04 10.77 10.58
N GLU B 108 24.36 9.66 10.34
CA GLU B 108 24.52 8.47 11.13
C GLU B 108 25.91 7.82 11.01
N VAL B 109 26.70 8.18 9.99
CA VAL B 109 28.05 7.60 9.88
C VAL B 109 28.95 8.15 10.99
N LEU B 110 28.65 9.34 11.51
CA LEU B 110 29.41 9.86 12.63
C LEU B 110 28.81 9.33 13.91
N THR B 111 29.48 9.55 15.01
CA THR B 111 29.06 9.04 16.30
C THR B 111 27.99 9.94 16.88
N MET B 112 26.79 9.41 17.08
CA MET B 112 25.63 10.18 17.55
C MET B 112 26.04 10.97 18.80
N ALA B 113 25.68 12.25 18.84
CA ALA B 113 25.98 13.11 20.00
C ALA B 113 24.80 13.23 20.96
N ASP B 114 23.60 12.88 20.49
CA ASP B 114 22.38 12.96 21.28
C ASP B 114 21.48 11.82 20.85
N GLU B 115 21.07 10.97 21.79
CA GLU B 115 20.43 9.72 21.39
C GLU B 115 18.95 9.86 21.09
N TYR B 116 18.35 10.97 21.51
CA TYR B 116 16.93 11.20 21.35
C TYR B 116 16.58 12.35 20.44
N ASN B 117 17.41 13.39 20.39
CA ASN B 117 17.12 14.57 19.56
C ASN B 117 18.11 14.85 18.42
N HIS B 118 17.54 15.06 17.25
CA HIS B 118 18.28 15.59 16.12
C HIS B 118 18.39 17.10 16.26
N ILE B 119 19.31 17.68 15.51
CA ILE B 119 19.50 19.11 15.44
C ILE B 119 18.22 19.82 15.02
N ASN B 120 17.88 20.90 15.71
CA ASN B 120 16.80 21.78 15.24
C ASN B 120 17.27 22.55 14.01
N LYS B 121 17.04 21.97 12.85
CA LYS B 121 17.64 22.44 11.64
C LYS B 121 17.03 23.76 11.16
N HIS B 122 15.89 24.15 11.72
CA HIS B 122 15.27 25.44 11.39
C HIS B 122 16.09 26.62 11.91
N LYS B 123 17.00 26.39 12.84
CA LYS B 123 17.81 27.45 13.43
C LYS B 123 19.05 27.83 12.60
N PHE B 124 19.08 27.42 11.33
CA PHE B 124 20.26 27.63 10.47
C PHE B 124 19.88 28.08 9.09
N LYS B 125 20.66 29.01 8.55
CA LYS B 125 20.55 29.37 7.14
C LYS B 125 21.14 28.27 6.27
N THR B 126 22.15 27.59 6.76
CA THR B 126 22.74 26.53 6.00
C THR B 126 21.75 25.39 5.82
N PRO B 127 21.57 24.92 4.58
CA PRO B 127 20.65 23.81 4.38
C PRO B 127 21.21 22.47 4.91
N PHE B 128 20.33 21.59 5.38
CA PHE B 128 20.69 20.26 5.90
C PHE B 128 20.15 19.09 5.05
N VAL B 129 20.99 18.08 4.86
CA VAL B 129 20.57 16.80 4.34
C VAL B 129 20.54 15.83 5.51
N CYS B 130 19.52 14.96 5.57
CA CYS B 130 19.48 13.87 6.57
C CYS B 130 19.24 12.50 5.95
N GLY B 131 19.64 11.46 6.66
CA GLY B 131 19.36 10.09 6.26
C GLY B 131 17.99 9.57 6.60
N CYS B 132 17.63 8.46 5.96
CA CYS B 132 16.33 7.85 6.15
C CYS B 132 16.29 6.42 5.62
N THR B 133 15.44 5.58 6.22
CA THR B 133 15.13 4.27 5.64
C THR B 133 13.66 4.08 5.36
N ASN B 134 12.82 5.07 5.68
CA ASN B 134 11.39 4.91 5.44
C ASN B 134 10.68 6.23 5.43
N LEU B 135 9.44 6.23 5.00
CA LEU B 135 8.76 7.49 4.80
C LEU B 135 8.60 8.29 6.09
N GLY B 136 8.19 7.65 7.16
CA GLY B 136 8.00 8.39 8.41
C GLY B 136 9.26 9.06 8.90
N GLU B 137 10.39 8.38 8.76
CA GLU B 137 11.65 8.90 9.22
C GLU B 137 12.03 10.12 8.36
N ALA B 138 11.89 9.98 7.06
CA ALA B 138 12.19 11.10 6.17
C ALA B 138 11.37 12.31 6.59
N LEU B 139 10.06 12.13 6.80
CA LEU B 139 9.16 13.23 7.11
C LEU B 139 9.45 13.81 8.50
N ARG B 140 9.96 13.01 9.41
CA ARG B 140 10.38 13.57 10.69
C ARG B 140 11.61 14.47 10.56
N ARG B 141 12.55 14.07 9.71
CA ARG B 141 13.77 14.87 9.47
C ARG B 141 13.41 16.19 8.83
N ILE B 142 12.50 16.16 7.86
CA ILE B 142 12.02 17.42 7.21
C ILE B 142 11.23 18.30 8.17
N SER B 143 10.47 17.70 9.06
CA SER B 143 9.70 18.46 10.07
C SER B 143 10.66 19.26 10.94
N GLU B 144 11.81 18.67 11.25
CA GLU B 144 12.87 19.33 12.01
C GLU B 144 13.62 20.33 11.17
N GLY B 145 13.34 20.38 9.87
CA GLY B 145 13.88 21.42 9.01
C GLY B 145 14.90 20.96 8.00
N ALA B 146 15.04 19.66 7.76
CA ALA B 146 16.00 19.21 6.74
C ALA B 146 15.49 19.70 5.38
N SER B 147 16.40 20.12 4.49
CA SER B 147 16.00 20.60 3.15
C SER B 147 16.13 19.53 2.07
N MET B 148 16.69 18.39 2.44
CA MET B 148 17.03 17.37 1.46
C MET B 148 17.13 16.05 2.21
N ILE B 149 16.76 14.96 1.55
CA ILE B 149 16.89 13.66 2.18
C ILE B 149 17.77 12.72 1.37
N ARG B 150 18.32 11.73 2.06
CA ARG B 150 19.01 10.67 1.40
C ARG B 150 18.69 9.39 2.13
N THR B 151 18.84 8.28 1.43
CA THR B 151 18.79 6.98 2.06
C THR B 151 20.06 6.79 2.89
N LYS B 152 20.01 5.91 3.86
CA LYS B 152 21.17 5.60 4.68
C LYS B 152 22.01 4.53 4.04
N GLY B 153 21.35 3.66 3.28
CA GLY B 153 21.96 2.46 2.78
C GLY B 153 22.70 1.73 3.89
N GLU B 154 23.88 1.21 3.53
CA GLU B 154 24.81 0.58 4.45
C GLU B 154 26.17 1.14 4.08
N ALA B 155 26.48 2.28 4.70
CA ALA B 155 27.65 3.04 4.33
C ALA B 155 28.89 2.19 4.41
N GLY B 156 29.75 2.31 3.41
CA GLY B 156 31.09 1.75 3.43
C GLY B 156 31.21 0.26 3.19
N THR B 157 30.09 -0.40 2.95
CA THR B 157 30.07 -1.82 2.67
C THR B 157 30.18 -2.14 1.20
N GLY B 158 29.99 -1.16 0.34
CA GLY B 158 30.02 -1.38 -1.10
C GLY B 158 28.94 -2.31 -1.61
N ASN B 159 27.86 -2.42 -0.84
CA ASN B 159 26.76 -3.32 -1.15
C ASN B 159 25.53 -2.49 -1.36
N ILE B 160 24.97 -2.53 -2.55
CA ILE B 160 23.84 -1.68 -2.87
C ILE B 160 22.50 -2.12 -2.18
N ILE B 161 22.45 -3.29 -1.56
CA ILE B 161 21.14 -3.87 -1.23
C ILE B 161 20.28 -3.07 -0.24
N GLU B 162 20.85 -2.57 0.83
CA GLU B 162 20.13 -1.77 1.79
C GLU B 162 19.67 -0.46 1.18
N ALA B 163 20.50 0.14 0.31
CA ALA B 163 20.09 1.36 -0.38
C ALA B 163 18.84 1.06 -1.17
N ILE B 164 18.84 -0.04 -1.90
CA ILE B 164 17.68 -0.41 -2.71
C ILE B 164 16.44 -0.63 -1.85
N LYS B 165 16.61 -1.33 -0.75
CA LYS B 165 15.51 -1.54 0.17
C LYS B 165 14.88 -0.22 0.58
N HIS B 166 15.73 0.74 0.95
CA HIS B 166 15.27 2.01 1.46
C HIS B 166 14.63 2.82 0.39
N ILE B 167 15.15 2.76 -0.83
CA ILE B 167 14.57 3.53 -1.91
C ILE B 167 13.13 3.05 -2.13
N ARG B 168 12.97 1.73 -2.17
CA ARG B 168 11.66 1.12 -2.43
C ARG B 168 10.70 1.16 -1.29
N THR B 169 11.23 1.08 -0.07
CA THR B 169 10.40 1.21 1.13
C THR B 169 9.71 2.58 1.07
N VAL B 170 10.48 3.64 0.85
CA VAL B 170 9.90 4.98 0.82
C VAL B 170 8.89 5.09 -0.31
N ASN B 171 9.25 4.55 -1.47
CA ASN B 171 8.40 4.61 -2.65
C ASN B 171 7.10 3.87 -2.40
N ASN B 172 7.19 2.67 -1.82
CA ASN B 172 5.98 1.86 -1.65
C ASN B 172 5.07 2.45 -0.58
N GLU B 173 5.67 3.05 0.44
CA GLU B 173 4.89 3.71 1.48
C GLU B 173 4.18 4.94 0.95
N ILE B 174 4.79 5.64 0.02
CA ILE B 174 4.13 6.77 -0.63
C ILE B 174 2.99 6.25 -1.48
N LYS B 175 3.22 5.13 -2.16
CA LYS B 175 2.17 4.52 -2.94
C LYS B 175 1.00 4.09 -2.07
N TYR B 176 1.27 3.51 -0.91
CA TYR B 176 0.20 3.12 0.03
C TYR B 176 -0.51 4.34 0.53
N LEU B 177 0.26 5.35 0.93
CA LEU B 177 -0.28 6.65 1.24
C LEU B 177 -1.20 7.18 0.16
N CYS B 178 -0.79 7.08 -1.11
CA CYS B 178 -1.63 7.63 -2.19
C CYS B 178 -2.83 6.76 -2.54
N SER B 179 -2.85 5.56 -1.97
CA SER B 179 -3.94 4.62 -2.20
C SER B 179 -5.07 4.82 -1.19
N LEU B 180 -4.84 5.68 -0.20
CA LEU B 180 -5.71 5.79 0.98
C LEU B 180 -6.71 6.90 0.73
N ASP B 181 -7.92 6.77 1.25
CA ASP B 181 -8.83 7.89 1.15
C ASP B 181 -8.62 8.90 2.28
N GLU B 182 -9.20 10.08 2.11
CA GLU B 182 -8.95 11.23 2.97
C GLU B 182 -9.08 10.92 4.47
N SER B 183 -10.00 10.05 4.83
CA SER B 183 -10.17 9.70 6.26
C SER B 183 -9.10 8.72 6.74
N GLU B 184 -8.68 7.80 5.88
CA GLU B 184 -7.66 6.82 6.23
C GLU B 184 -6.28 7.42 6.48
N VAL B 185 -6.04 8.65 6.06
CA VAL B 185 -4.67 9.20 6.16
C VAL B 185 -4.23 9.47 7.61
N TYR B 186 -5.17 9.72 8.51
CA TYR B 186 -4.88 10.04 9.93
C TYR B 186 -4.31 8.86 10.71
N ASN B 187 -4.98 7.73 10.70
CA ASN B 187 -4.43 6.51 11.27
C ASN B 187 -3.09 6.12 10.65
N PHE B 188 -2.94 6.25 9.34
CA PHE B 188 -1.64 6.06 8.71
C PHE B 188 -0.59 6.98 9.31
N ALA B 189 -0.96 8.23 9.58
CA ALA B 189 0.02 9.22 10.04
C ALA B 189 0.56 8.77 11.41
N LYS B 190 -0.35 8.39 12.26
CA LYS B 190 -0.07 7.75 13.53
C LYS B 190 0.86 6.54 13.44
N LYS B 191 0.50 5.58 12.61
CA LYS B 191 1.39 4.44 12.35
C LYS B 191 2.78 4.82 11.87
N LEU B 192 2.86 5.82 10.99
CA LEU B 192 4.16 6.26 10.49
C LEU B 192 4.87 7.14 11.52
N ARG B 193 4.10 7.73 12.44
CA ARG B 193 4.60 8.68 13.42
C ARG B 193 5.25 9.83 12.71
N ALA B 194 4.46 10.45 11.84
CA ALA B 194 4.89 11.55 11.00
C ALA B 194 3.85 12.64 11.04
N PRO B 195 4.24 13.89 10.78
CA PRO B 195 3.28 14.96 10.95
C PRO B 195 2.29 14.98 9.82
N ILE B 196 1.01 15.03 10.16
CA ILE B 196 -0.06 14.99 9.16
C ILE B 196 0.17 15.96 7.98
N ASP B 197 0.67 17.16 8.28
CA ASP B 197 0.82 18.22 7.26
C ASP B 197 1.78 17.83 6.14
N LEU B 198 2.90 17.23 6.49
CA LEU B 198 3.85 16.73 5.51
C LEU B 198 3.35 15.44 4.85
N ILE B 199 2.67 14.60 5.60
CA ILE B 199 2.06 13.45 5.00
C ILE B 199 1.12 13.85 3.88
N LEU B 200 0.31 14.88 4.10
CA LEU B 200 -0.66 15.33 3.08
C LEU B 200 0.01 15.96 1.86
N LEU B 201 1.05 16.75 2.09
CA LEU B 201 1.84 17.34 0.99
C LEU B 201 2.48 16.24 0.16
N THR B 202 3.08 15.25 0.83
CA THR B 202 3.70 14.09 0.17
C THR B 202 2.70 13.32 -0.68
N ARG B 203 1.53 13.12 -0.11
CA ARG B 203 0.43 12.53 -0.83
C ARG B 203 0.09 13.41 -2.04
N LYS B 204 0.05 14.72 -1.84
CA LYS B 204 -0.23 15.65 -2.94
C LYS B 204 0.74 15.52 -4.12
N LEU B 205 1.99 15.12 -3.86
CA LEU B 205 3.04 15.06 -4.90
C LEU B 205 3.41 13.68 -5.39
N LYS B 206 3.07 12.64 -4.64
CA LYS B 206 3.50 11.26 -4.99
C LYS B 206 5.03 11.16 -4.94
N ARG B 207 5.62 12.05 -4.14
CA ARG B 207 7.04 11.98 -3.81
C ARG B 207 7.34 12.85 -2.60
N LEU B 208 8.53 12.64 -2.05
CA LEU B 208 9.03 13.48 -0.98
C LEU B 208 9.09 14.97 -1.40
N PRO B 209 8.72 15.89 -0.50
CA PRO B 209 8.66 17.33 -0.80
C PRO B 209 10.03 18.04 -0.89
N VAL B 210 11.11 17.30 -0.74
CA VAL B 210 12.42 17.85 -0.86
C VAL B 210 13.18 16.97 -1.81
N VAL B 211 14.38 17.39 -2.17
CA VAL B 211 15.27 16.62 -3.00
C VAL B 211 15.66 15.37 -2.22
N ASN B 212 15.92 14.28 -2.94
CA ASN B 212 16.08 12.95 -2.35
C ASN B 212 17.12 12.14 -3.10
N PHE B 213 18.28 11.94 -2.48
CA PHE B 213 19.42 11.27 -3.10
C PHE B 213 19.55 9.84 -2.57
N ALA B 214 20.12 8.97 -3.40
CA ALA B 214 20.54 7.64 -2.95
C ALA B 214 21.90 7.76 -2.28
N ALA B 215 22.17 6.87 -1.34
CA ALA B 215 23.42 6.91 -0.60
C ALA B 215 23.67 5.61 0.16
N GLY B 216 24.93 5.25 0.30
CA GLY B 216 25.30 4.03 1.01
C GLY B 216 25.48 2.87 0.09
N GLY B 217 26.72 2.43 -0.09
CA GLY B 217 27.03 1.18 -0.79
C GLY B 217 27.12 1.19 -2.29
N ILE B 218 27.01 2.35 -2.90
CA ILE B 218 27.11 2.49 -4.36
C ILE B 218 28.53 2.26 -4.84
N ALA B 219 28.75 1.15 -5.56
CA ALA B 219 30.11 0.70 -5.92
C ALA B 219 30.49 0.69 -7.42
N THR B 220 29.50 0.78 -8.30
CA THR B 220 29.73 0.69 -9.72
C THR B 220 28.76 1.62 -10.42
N PRO B 221 29.04 2.00 -11.67
CA PRO B 221 28.07 2.79 -12.43
C PRO B 221 26.71 2.12 -12.51
N ALA B 222 26.68 0.79 -12.63
CA ALA B 222 25.41 0.05 -12.65
C ALA B 222 24.55 0.35 -11.41
N ASP B 223 25.16 0.39 -10.23
CA ASP B 223 24.47 0.72 -8.96
C ASP B 223 23.91 2.12 -9.00
N ALA B 224 24.76 3.07 -9.42
CA ALA B 224 24.37 4.47 -9.45
C ALA B 224 23.15 4.70 -10.34
N ALA B 225 23.20 4.14 -11.52
CA ALA B 225 22.10 4.23 -12.48
C ALA B 225 20.85 3.53 -11.95
N MET B 226 21.01 2.44 -11.22
CA MET B 226 19.84 1.69 -10.71
C MET B 226 19.01 2.54 -9.75
N CYS B 227 19.71 3.19 -8.81
CA CYS B 227 19.09 4.14 -7.90
C CYS B 227 18.36 5.22 -8.66
N MET B 228 19.04 5.81 -9.65
CA MET B 228 18.38 6.77 -10.56
C MET B 228 17.14 6.22 -11.24
N GLN B 229 17.20 5.02 -11.81
CA GLN B 229 16.00 4.43 -12.45
C GLN B 229 14.84 4.17 -11.48
N LEU B 230 15.17 4.02 -10.19
CA LEU B 230 14.12 3.91 -9.15
C LEU B 230 13.65 5.26 -8.64
N GLY B 231 14.08 6.34 -9.28
CA GLY B 231 13.42 7.64 -9.12
C GLY B 231 14.13 8.61 -8.22
N MET B 232 15.33 8.27 -7.78
CA MET B 232 16.13 9.19 -7.01
C MET B 232 16.57 10.42 -7.83
N ASP B 233 16.95 11.50 -7.17
CA ASP B 233 17.29 12.73 -7.85
C ASP B 233 18.78 12.85 -8.05
N GLY B 234 19.53 11.91 -7.48
CA GLY B 234 20.98 11.97 -7.51
C GLY B 234 21.57 10.96 -6.51
N VAL B 235 22.88 11.05 -6.33
CA VAL B 235 23.66 10.06 -5.60
C VAL B 235 24.81 10.68 -4.77
N PHE B 236 25.06 10.08 -3.60
CA PHE B 236 26.25 10.33 -2.79
C PHE B 236 27.08 9.09 -2.88
N VAL B 237 28.39 9.24 -3.12
CA VAL B 237 29.31 8.11 -3.11
C VAL B 237 30.60 8.48 -2.40
N GLY B 238 31.06 7.61 -1.52
CA GLY B 238 32.35 7.81 -0.88
C GLY B 238 33.28 6.66 -1.09
N SER B 239 32.98 5.57 -0.44
CA SER B 239 33.88 4.45 -0.39
C SER B 239 34.11 3.87 -1.78
N GLY B 240 33.02 3.73 -2.52
CA GLY B 240 33.07 3.19 -3.87
C GLY B 240 34.11 3.78 -4.81
N ILE B 241 34.49 5.02 -4.60
CA ILE B 241 35.47 5.65 -5.47
C ILE B 241 36.88 5.33 -5.00
N PHE B 242 37.21 5.77 -3.81
CA PHE B 242 38.61 5.78 -3.37
C PHE B 242 39.12 4.45 -2.81
N GLU B 243 38.20 3.49 -2.66
CA GLU B 243 38.57 2.10 -2.34
C GLU B 243 38.63 1.24 -3.59
N SER B 244 38.31 1.82 -4.74
CA SER B 244 38.31 1.09 -6.00
C SER B 244 39.72 1.07 -6.58
N GLU B 245 39.94 0.20 -7.55
CA GLU B 245 41.27 0.11 -8.17
C GLU B 245 41.71 1.42 -8.79
N ASN B 246 40.78 2.06 -9.50
CA ASN B 246 41.03 3.27 -10.32
C ASN B 246 40.07 4.42 -10.00
N PRO B 247 40.37 5.20 -8.96
CA PRO B 247 39.39 6.16 -8.45
C PRO B 247 38.93 7.27 -9.39
N GLN B 248 39.85 7.80 -10.20
CA GLN B 248 39.46 8.89 -11.11
C GLN B 248 38.48 8.32 -12.08
N LYS B 249 38.82 7.17 -12.65
CA LYS B 249 38.00 6.61 -13.67
C LYS B 249 36.68 6.10 -13.08
N MET B 250 36.72 5.54 -11.86
CA MET B 250 35.47 5.18 -11.19
C MET B 250 34.60 6.42 -10.94
N ALA B 251 35.23 7.48 -10.44
CA ALA B 251 34.49 8.70 -10.20
C ALA B 251 33.82 9.20 -11.51
N SER B 252 34.60 9.25 -12.59
CA SER B 252 34.09 9.74 -13.87
C SER B 252 32.93 8.93 -14.42
N SER B 253 33.05 7.62 -14.36
CA SER B 253 32.01 6.72 -14.85
C SER B 253 30.71 6.85 -14.05
N ILE B 254 30.83 6.98 -12.74
CA ILE B 254 29.64 7.09 -11.88
C ILE B 254 28.85 8.34 -12.24
N VAL B 255 29.54 9.47 -12.43
CA VAL B 255 28.91 10.73 -12.82
C VAL B 255 28.24 10.64 -14.19
N MET B 256 28.94 10.02 -15.13
CA MET B 256 28.34 9.70 -16.43
C MET B 256 27.10 8.80 -16.32
N ALA B 257 27.21 7.73 -15.55
CA ALA B 257 26.07 6.83 -15.28
C ALA B 257 24.88 7.61 -14.77
N VAL B 258 25.17 8.50 -13.83
CA VAL B 258 24.14 9.26 -13.14
C VAL B 258 23.49 10.27 -14.10
N SER B 259 24.31 10.97 -14.89
CA SER B 259 23.83 11.88 -15.95
C SER B 259 23.15 11.20 -17.15
N ASN B 260 23.38 9.91 -17.32
CA ASN B 260 22.86 9.16 -18.48
C ASN B 260 22.25 7.82 -18.06
N PHE B 261 21.50 7.82 -16.95
CA PHE B 261 21.04 6.60 -16.28
C PHE B 261 20.09 5.75 -17.09
N ASN B 262 19.45 6.33 -18.08
CA ASN B 262 18.55 5.58 -18.95
C ASN B 262 19.20 5.19 -20.27
N ASN B 263 20.52 5.39 -20.37
CA ASN B 263 21.24 5.12 -21.62
C ASN B 263 22.14 3.89 -21.53
N PRO B 264 21.67 2.75 -22.01
CA PRO B 264 22.46 1.52 -21.89
C PRO B 264 23.79 1.55 -22.63
N LYS B 265 23.79 2.19 -23.79
CA LYS B 265 25.00 2.38 -24.55
C LYS B 265 26.06 3.07 -23.70
N ILE B 266 25.68 4.13 -23.00
CA ILE B 266 26.64 4.87 -22.19
C ILE B 266 27.00 4.07 -20.94
N LEU B 267 26.00 3.42 -20.35
CA LEU B 267 26.24 2.60 -19.14
C LEU B 267 27.24 1.49 -19.46
N LEU B 268 27.09 0.90 -20.64
CA LEU B 268 28.05 -0.09 -21.05
C LEU B 268 29.43 0.55 -21.22
N ASN B 269 29.49 1.62 -22.01
CA ASN B 269 30.75 2.23 -22.35
C ASN B 269 31.62 2.57 -21.16
N VAL B 270 31.06 3.27 -20.19
CA VAL B 270 31.80 3.70 -19.01
C VAL B 270 32.02 2.60 -17.99
N SER B 271 31.34 1.47 -18.17
CA SER B 271 31.57 0.29 -17.30
C SER B 271 32.72 -0.57 -17.79
N LEU B 272 32.97 -0.53 -19.10
CA LEU B 272 34.12 -1.25 -19.68
C LEU B 272 35.43 -0.81 -19.06
N GLY B 273 36.26 -1.78 -18.68
CA GLY B 273 37.68 -1.55 -18.36
C GLY B 273 37.94 -0.74 -17.11
N LEU B 274 37.00 -0.80 -16.17
CA LEU B 274 36.96 0.12 -15.06
C LEU B 274 38.01 -0.23 -14.02
N GLY B 275 38.40 -1.50 -14.00
CA GLY B 275 39.21 -2.05 -12.92
C GLY B 275 38.32 -2.63 -11.82
N LYS B 276 38.93 -3.17 -10.78
CA LYS B 276 38.19 -3.76 -9.70
C LYS B 276 37.47 -2.69 -8.86
N ALA B 277 36.17 -2.87 -8.68
CA ALA B 277 35.41 -2.06 -7.76
C ALA B 277 35.87 -2.37 -6.31
N MET B 278 35.46 -1.56 -5.34
CA MET B 278 35.80 -1.87 -3.95
C MET B 278 35.36 -3.28 -3.57
N HIS B 279 36.24 -4.00 -2.88
CA HIS B 279 35.97 -5.35 -2.40
C HIS B 279 34.67 -5.38 -1.61
N GLY B 280 34.53 -4.43 -0.71
CA GLY B 280 33.29 -4.26 0.03
C GLY B 280 33.22 -5.33 1.09
N ASN B 281 32.08 -5.39 1.74
CA ASN B 281 31.94 -6.28 2.87
C ASN B 281 30.52 -6.75 3.05
N THR B 282 30.31 -8.05 2.82
CA THR B 282 29.05 -8.72 3.06
C THR B 282 28.94 -9.05 4.55
N LYS B 283 27.97 -9.88 4.92
CA LYS B 283 27.80 -10.28 6.33
C LYS B 283 26.60 -9.58 7.00
C1 EDO C . 7.05 -5.17 3.28
O1 EDO C . 6.14 -4.63 2.32
C2 EDO C . 8.24 -5.77 2.55
O2 EDO C . 7.84 -7.00 1.94
C1 EDO D . 3.84 -5.23 -0.25
O1 EDO D . 4.32 -5.42 1.11
C2 EDO D . 4.65 -6.07 -1.25
O2 EDO D . 5.09 -5.30 -2.36
C1 EDO E . -1.54 -2.03 6.38
O1 EDO E . -2.80 -2.08 7.05
C2 EDO E . -0.45 -1.56 7.35
O2 EDO E . 0.61 -0.89 6.67
C1 EDO F . 2.84 -4.48 4.61
O1 EDO F . 2.01 -3.33 4.86
C2 EDO F . 2.31 -5.33 3.45
O2 EDO F . 2.22 -4.57 2.23
C1 EDO G . 2.28 -0.22 3.92
O1 EDO G . 0.94 -0.70 4.11
C2 EDO G . 2.80 -0.63 2.54
O2 EDO G . 4.22 -0.50 2.50
C1 R5P H . -24.33 -15.40 3.13
C2 R5P H . -25.22 -14.24 3.60
O2 R5P H . -26.04 -14.64 4.71
C3 R5P H . -24.43 -13.02 4.06
O3 R5P H . -25.42 -12.03 4.34
C4 R5P H . -23.64 -13.23 5.35
O4 R5P H . -22.21 -13.29 5.15
C5 R5P H . -24.03 -12.08 6.30
O5 R5P H . -25.42 -12.04 6.59
P R5P H . -26.04 -11.19 7.82
O1P R5P H . -26.67 -9.98 7.22
O2P R5P H . -27.07 -12.12 8.45
O3P R5P H . -24.88 -10.91 8.74
C1 R5P I . 27.04 9.90 5.03
C2 R5P I . 27.62 9.90 3.60
O2 R5P I . 27.29 11.12 2.92
C3 R5P I . 27.12 8.77 2.73
O3 R5P I . 28.01 8.69 1.62
C4 R5P I . 27.16 7.39 3.38
O4 R5P I . 25.91 7.10 4.07
C5 R5P I . 27.47 6.33 2.31
O5 R5P I . 28.72 6.44 1.62
P R5P I . 29.44 5.15 0.94
O1P R5P I . 29.44 5.38 -0.56
O2P R5P I . 30.82 5.17 1.55
O3P R5P I . 28.64 3.92 1.29
#